data_6V7M
#
_entry.id   6V7M
#
_cell.length_a   41.330
_cell.length_b   54.450
_cell.length_c   86.670
_cell.angle_alpha   90.000
_cell.angle_beta   90.000
_cell.angle_gamma   90.000
#
_symmetry.space_group_name_H-M   'P 21 21 21'
#
loop_
_entity.id
_entity.type
_entity.pdbx_description
1 polymer 'Apolipoprotein E'
2 polymer 'Apolipoprotein E'
3 non-polymer 'PHOSPHATE ION'
4 water water
#
loop_
_entity_poly.entity_id
_entity_poly.type
_entity_poly.pdbx_seq_one_letter_code
_entity_poly.pdbx_strand_id
1 'polypeptide(L)'
;MKVLWAALLVTFLAGCQAKVEQAVETEPEPELRQQTEWQSGQRWELALGRFWDYLRWVQTLSEQVQEELLSSQVTQELRA
LMDETMKELKAYKSELEEQL
;
A
2 'polypeptide(L)'
;TPVAEETRARLSKELQAAQARLGADMEDVCGRLVQYRGEVQAMLGQSTEELRVRLASHLRKLRKRLLRDADDLQKRLAVY
QAG
;
B
#
# COMPACT_ATOMS: atom_id res chain seq x y z
N THR A 36 -5.95 9.22 15.20
CA THR A 36 -6.82 8.69 16.29
C THR A 36 -8.26 9.20 16.08
N GLU A 37 -8.41 10.44 15.59
CA GLU A 37 -9.70 11.02 15.13
C GLU A 37 -9.70 11.04 13.61
N TRP A 38 -9.17 12.11 13.01
CA TRP A 38 -8.92 12.24 11.55
C TRP A 38 -7.47 12.72 11.33
N GLN A 39 -6.99 12.69 10.08
CA GLN A 39 -5.61 13.13 9.70
C GLN A 39 -5.72 14.44 8.89
N SER A 40 -4.74 14.72 8.03
CA SER A 40 -4.61 15.97 7.25
C SER A 40 -4.90 15.70 5.77
N GLY A 41 -4.46 16.61 4.90
CA GLY A 41 -4.45 16.45 3.43
C GLY A 41 -3.04 16.49 2.89
N GLN A 42 -2.11 15.75 3.51
CA GLN A 42 -0.67 15.73 3.16
C GLN A 42 -0.47 15.07 1.79
N ARG A 43 0.59 15.45 1.09
CA ARG A 43 0.94 14.94 -0.25
CA ARG A 43 0.88 14.94 -0.26
C ARG A 43 1.00 13.41 -0.22
N TRP A 44 1.53 12.86 0.88
CA TRP A 44 1.77 11.40 1.00
C TRP A 44 0.42 10.68 1.18
N GLU A 45 -0.54 11.26 1.95
CA GLU A 45 -1.90 10.70 2.15
C GLU A 45 -2.66 10.69 0.82
N LEU A 46 -2.44 11.71 -0.03
CA LEU A 46 -3.13 11.81 -1.35
C LEU A 46 -2.58 10.72 -2.27
N ALA A 47 -1.26 10.53 -2.24
CA ALA A 47 -0.59 9.45 -3.02
C ALA A 47 -1.17 8.09 -2.60
N LEU A 48 -1.26 7.84 -1.28
CA LEU A 48 -1.76 6.55 -0.76
C LEU A 48 -3.24 6.41 -1.16
N GLY A 49 -3.96 7.53 -1.15
CA GLY A 49 -5.35 7.63 -1.61
C GLY A 49 -5.51 7.04 -2.99
N ARG A 50 -4.68 7.48 -3.95
CA ARG A 50 -4.72 7.06 -5.37
C ARG A 50 -4.36 5.58 -5.47
N PHE A 51 -3.38 5.10 -4.70
CA PHE A 51 -3.05 3.67 -4.65
C PHE A 51 -4.29 2.90 -4.19
N TRP A 52 -4.92 3.38 -3.14
CA TRP A 52 -6.10 2.75 -2.50
C TRP A 52 -7.30 2.72 -3.46
N ASP A 53 -7.57 3.82 -4.16
CA ASP A 53 -8.68 3.89 -5.14
C ASP A 53 -8.40 2.94 -6.31
N TYR A 54 -7.15 2.87 -6.76
CA TYR A 54 -6.76 1.96 -7.87
C TYR A 54 -7.07 0.51 -7.46
N LEU A 55 -6.68 0.12 -6.24
CA LEU A 55 -6.83 -1.26 -5.71
C LEU A 55 -8.31 -1.59 -5.53
N ARG A 56 -9.14 -0.63 -5.13
CA ARG A 56 -10.59 -0.85 -4.99
C ARG A 56 -11.20 -1.16 -6.36
N TRP A 57 -10.75 -0.47 -7.41
CA TRP A 57 -11.18 -0.78 -8.80
C TRP A 57 -10.78 -2.21 -9.16
N VAL A 58 -9.53 -2.59 -8.92
CA VAL A 58 -8.99 -3.97 -9.20
C VAL A 58 -9.88 -4.99 -8.50
N GLN A 59 -10.25 -4.71 -7.25
CA GLN A 59 -11.09 -5.62 -6.40
C GLN A 59 -12.33 -6.01 -7.20
N THR A 60 -12.79 -5.18 -8.14
CA THR A 60 -14.10 -5.42 -8.79
C THR A 60 -13.97 -6.61 -9.76
N LEU A 61 -12.75 -6.93 -10.20
CA LEU A 61 -12.51 -7.97 -11.22
C LEU A 61 -13.54 -7.87 -12.36
N SER A 62 -13.79 -6.66 -12.86
CA SER A 62 -14.57 -6.39 -14.10
C SER A 62 -13.78 -6.89 -15.30
N GLU A 63 -14.40 -6.85 -16.49
CA GLU A 63 -13.78 -7.30 -17.75
C GLU A 63 -12.52 -6.48 -18.01
N GLN A 64 -12.56 -5.17 -17.77
CA GLN A 64 -11.42 -4.27 -18.09
C GLN A 64 -10.28 -4.58 -17.10
N VAL A 65 -10.62 -4.85 -15.84
CA VAL A 65 -9.60 -5.31 -14.84
C VAL A 65 -8.97 -6.63 -15.33
N GLN A 66 -9.78 -7.56 -15.83
CA GLN A 66 -9.27 -8.89 -16.28
C GLN A 66 -8.31 -8.68 -17.47
N GLU A 67 -8.71 -7.94 -18.49
CA GLU A 67 -7.79 -7.59 -19.61
C GLU A 67 -6.43 -7.15 -19.04
N GLU A 68 -6.44 -6.13 -18.19
CA GLU A 68 -5.22 -5.40 -17.79
C GLU A 68 -4.40 -6.24 -16.81
N LEU A 69 -5.01 -7.22 -16.13
CA LEU A 69 -4.30 -8.11 -15.18
C LEU A 69 -3.43 -9.10 -15.96
N LEU A 70 -3.87 -9.52 -17.14
CA LEU A 70 -3.15 -10.55 -17.94
C LEU A 70 -1.96 -9.90 -18.67
N SER A 71 -2.02 -8.59 -18.87
CA SER A 71 -0.81 -7.78 -19.21
CA SER A 71 -0.82 -7.77 -19.19
C SER A 71 -0.13 -7.40 -17.88
N SER A 72 1.01 -6.72 -17.94
CA SER A 72 1.64 -6.24 -16.69
C SER A 72 1.10 -4.84 -16.37
N GLN A 73 0.01 -4.40 -17.02
CA GLN A 73 -0.40 -2.97 -16.98
C GLN A 73 -0.73 -2.59 -15.53
N VAL A 74 -1.53 -3.41 -14.85
CA VAL A 74 -2.00 -3.16 -13.45
C VAL A 74 -0.80 -3.13 -12.48
N THR A 75 0.14 -4.08 -12.58
CA THR A 75 1.30 -4.14 -11.66
C THR A 75 2.21 -2.94 -11.95
N GLN A 76 2.28 -2.48 -13.21
CA GLN A 76 3.07 -1.29 -13.65
C GLN A 76 2.52 -0.03 -12.99
N GLU A 77 1.19 0.17 -13.06
CA GLU A 77 0.46 1.35 -12.52
C GLU A 77 0.56 1.34 -10.97
N LEU A 78 0.42 0.19 -10.33
CA LEU A 78 0.48 0.06 -8.85
C LEU A 78 1.90 0.35 -8.37
N ARG A 79 2.92 -0.15 -9.07
CA ARG A 79 4.34 0.06 -8.69
C ARG A 79 4.63 1.56 -8.73
N ALA A 80 4.15 2.25 -9.77
CA ALA A 80 4.35 3.70 -9.95
C ALA A 80 3.68 4.45 -8.78
N LEU A 81 2.46 4.05 -8.43
CA LEU A 81 1.69 4.66 -7.29
C LEU A 81 2.37 4.34 -5.96
N MET A 82 2.87 3.12 -5.79
CA MET A 82 3.60 2.70 -4.56
C MET A 82 4.83 3.60 -4.38
N ASP A 83 5.61 3.79 -5.44
CA ASP A 83 6.89 4.55 -5.40
C ASP A 83 6.63 6.00 -5.03
N GLU A 84 5.57 6.59 -5.58
CA GLU A 84 5.20 8.00 -5.31
C GLU A 84 4.85 8.15 -3.83
N THR A 85 4.09 7.20 -3.28
CA THR A 85 3.68 7.17 -1.86
C THR A 85 4.93 7.19 -0.97
N MET A 86 5.92 6.35 -1.25
CA MET A 86 7.09 6.17 -0.36
C MET A 86 8.03 7.37 -0.53
N LYS A 87 8.11 7.92 -1.75
CA LYS A 87 8.87 9.15 -2.05
C LYS A 87 8.30 10.30 -1.22
N GLU A 88 7.02 10.59 -1.33
CA GLU A 88 6.35 11.67 -0.58
C GLU A 88 6.50 11.44 0.93
N LEU A 89 6.47 10.18 1.39
CA LEU A 89 6.52 9.81 2.82
C LEU A 89 7.89 10.15 3.40
N LYS A 90 8.96 9.82 2.67
CA LYS A 90 10.36 10.13 3.04
C LYS A 90 10.50 11.64 3.23
N ALA A 91 10.02 12.39 2.25
CA ALA A 91 10.12 13.87 2.17
C ALA A 91 9.42 14.48 3.39
N TYR A 92 8.27 13.94 3.77
CA TYR A 92 7.41 14.46 4.86
C TYR A 92 8.10 14.31 6.22
N LYS A 93 8.68 13.13 6.45
CA LYS A 93 9.34 12.75 7.72
C LYS A 93 10.58 13.64 7.89
N SER A 94 11.28 13.90 6.78
CA SER A 94 12.46 14.79 6.69
C SER A 94 12.10 16.20 7.18
N GLU A 95 11.00 16.75 6.69
CA GLU A 95 10.60 18.14 7.03
C GLU A 95 10.02 18.15 8.44
N LEU A 96 9.43 17.03 8.85
CA LEU A 96 8.85 16.84 10.21
C LEU A 96 9.96 17.01 11.26
N GLU A 97 11.12 16.40 11.03
CA GLU A 97 12.30 16.49 11.94
C GLU A 97 12.75 17.95 12.13
N GLU A 98 12.23 18.89 11.33
CA GLU A 98 12.54 20.34 11.46
C GLU A 98 11.65 20.95 12.53
N GLN A 99 10.79 20.14 13.14
CA GLN A 99 9.81 20.61 14.17
C GLN A 99 9.77 19.58 15.30
N THR B 1 14.41 15.23 18.75
CA THR B 1 15.55 15.85 19.49
C THR B 1 15.06 17.02 20.33
N PRO B 2 14.14 17.87 19.82
CA PRO B 2 13.67 19.04 20.58
C PRO B 2 12.55 18.78 21.59
N VAL B 3 11.73 17.75 21.38
CA VAL B 3 10.61 17.36 22.30
C VAL B 3 10.95 16.03 22.98
N ALA B 4 11.89 16.06 23.94
CA ALA B 4 12.44 14.88 24.65
C ALA B 4 13.45 14.16 23.74
N GLU B 5 14.75 14.38 23.97
CA GLU B 5 15.85 14.15 22.99
C GLU B 5 16.13 12.65 22.82
N GLU B 6 16.64 11.99 23.86
CA GLU B 6 17.20 10.61 23.81
C GLU B 6 16.10 9.59 23.50
N THR B 7 14.84 9.92 23.83
CA THR B 7 13.65 9.04 23.66
C THR B 7 13.08 9.20 22.24
N ARG B 8 13.10 10.42 21.69
CA ARG B 8 12.48 10.73 20.37
C ARG B 8 13.15 9.90 19.27
N ALA B 9 14.47 9.73 19.33
CA ALA B 9 15.25 8.84 18.43
C ALA B 9 14.83 7.38 18.67
N ARG B 10 14.60 7.06 19.95
CA ARG B 10 14.17 5.69 20.40
CA ARG B 10 14.17 5.71 20.42
C ARG B 10 12.71 5.48 20.00
N LEU B 11 12.23 6.30 19.05
CA LEU B 11 10.81 6.36 18.59
C LEU B 11 10.78 6.55 17.06
N SER B 12 11.92 6.92 16.47
CA SER B 12 12.12 7.00 15.00
C SER B 12 12.19 5.58 14.42
N LYS B 13 12.80 4.68 15.19
CA LYS B 13 12.90 3.23 14.87
C LYS B 13 11.48 2.68 14.63
N GLU B 14 10.53 3.02 15.50
CA GLU B 14 9.11 2.56 15.45
C GLU B 14 8.44 3.06 14.18
N LEU B 15 8.55 4.37 13.90
CA LEU B 15 8.07 5.02 12.65
C LEU B 15 8.73 4.32 11.46
N GLN B 16 10.01 4.02 11.60
CA GLN B 16 10.82 3.30 10.59
C GLN B 16 10.11 1.99 10.22
N ALA B 17 9.69 1.22 11.23
CA ALA B 17 9.12 -0.14 11.11
C ALA B 17 7.74 -0.06 10.45
N ALA B 18 6.95 0.95 10.81
CA ALA B 18 5.60 1.22 10.28
C ALA B 18 5.68 1.44 8.76
N GLN B 19 6.67 2.20 8.28
CA GLN B 19 6.89 2.48 6.83
C GLN B 19 7.24 1.18 6.13
N ALA B 20 8.07 0.36 6.76
CA ALA B 20 8.53 -0.94 6.22
C ALA B 20 7.29 -1.82 6.03
N ARG B 21 6.37 -1.81 6.99
CA ARG B 21 5.15 -2.64 6.99
C ARG B 21 4.26 -2.25 5.80
N LEU B 22 4.08 -0.93 5.58
CA LEU B 22 3.29 -0.38 4.46
C LEU B 22 3.90 -0.83 3.13
N GLY B 23 5.20 -0.61 2.97
CA GLY B 23 5.91 -0.99 1.74
C GLY B 23 5.73 -2.47 1.45
N ALA B 24 5.90 -3.30 2.49
CA ALA B 24 5.73 -4.78 2.41
C ALA B 24 4.29 -5.12 1.96
N ASP B 25 3.30 -4.42 2.52
CA ASP B 25 1.86 -4.62 2.24
C ASP B 25 1.61 -4.36 0.75
N MET B 26 2.08 -3.23 0.24
CA MET B 26 1.93 -2.84 -1.19
C MET B 26 2.63 -3.87 -2.08
N GLU B 27 3.80 -4.37 -1.70
CA GLU B 27 4.53 -5.41 -2.46
C GLU B 27 3.77 -6.74 -2.45
N ASP B 28 3.19 -7.16 -1.31
CA ASP B 28 2.43 -8.43 -1.20
C ASP B 28 1.23 -8.42 -2.15
N VAL B 29 0.65 -7.24 -2.34
CA VAL B 29 -0.52 -7.06 -3.25
C VAL B 29 -0.05 -7.31 -4.68
N CYS B 30 0.94 -6.57 -5.16
CA CYS B 30 1.53 -6.74 -6.52
C CYS B 30 1.95 -8.20 -6.73
N GLY B 31 2.67 -8.78 -5.77
CA GLY B 31 3.05 -10.19 -5.81
C GLY B 31 1.85 -11.08 -6.09
N ARG B 32 0.71 -10.79 -5.48
CA ARG B 32 -0.48 -11.66 -5.54
C ARG B 32 -1.11 -11.56 -6.93
N LEU B 33 -0.95 -10.42 -7.59
CA LEU B 33 -1.54 -10.13 -8.93
C LEU B 33 -0.64 -10.72 -10.03
N VAL B 34 0.68 -10.74 -9.80
CA VAL B 34 1.64 -11.51 -10.63
C VAL B 34 1.28 -13.00 -10.57
N GLN B 35 1.13 -13.55 -9.37
CA GLN B 35 0.74 -14.96 -9.16
C GLN B 35 -0.55 -15.28 -9.92
N TYR B 36 -1.51 -14.36 -9.94
CA TYR B 36 -2.78 -14.57 -10.67
C TYR B 36 -2.48 -14.76 -12.17
N ARG B 37 -1.62 -13.89 -12.72
CA ARG B 37 -1.21 -13.92 -14.15
C ARG B 37 -0.70 -15.33 -14.49
N GLY B 38 0.16 -15.91 -13.65
CA GLY B 38 0.77 -17.25 -13.89
C GLY B 38 -0.25 -18.36 -13.71
N GLU B 39 -1.13 -18.25 -12.73
CA GLU B 39 -2.19 -19.26 -12.45
C GLU B 39 -3.04 -19.46 -13.72
N VAL B 40 -3.35 -18.38 -14.45
CA VAL B 40 -4.26 -18.36 -15.63
C VAL B 40 -3.55 -19.03 -16.81
N GLN B 41 -2.25 -18.81 -16.97
CA GLN B 41 -1.43 -19.49 -18.02
C GLN B 41 -1.40 -21.01 -17.75
N ALA B 42 -1.21 -21.41 -16.49
CA ALA B 42 -1.22 -22.82 -16.06
C ALA B 42 -2.52 -23.49 -16.51
N MET B 43 -3.66 -22.76 -16.53
CA MET B 43 -5.00 -23.35 -16.79
C MET B 43 -5.18 -23.63 -18.28
N LEU B 44 -4.27 -23.12 -19.12
CA LEU B 44 -4.23 -23.41 -20.59
C LEU B 44 -5.61 -23.16 -21.21
N GLY B 45 -6.29 -22.10 -20.77
CA GLY B 45 -7.53 -21.60 -21.41
C GLY B 45 -8.81 -22.09 -20.72
N GLN B 46 -8.71 -23.05 -19.79
CA GLN B 46 -9.91 -23.54 -19.07
CA GLN B 46 -9.87 -23.56 -19.01
C GLN B 46 -10.45 -22.40 -18.18
N SER B 47 -11.69 -22.54 -17.71
CA SER B 47 -12.42 -21.49 -16.93
C SER B 47 -11.58 -21.00 -15.74
N THR B 48 -11.51 -19.69 -15.55
CA THR B 48 -10.76 -19.08 -14.41
C THR B 48 -11.77 -18.58 -13.36
N GLU B 49 -13.01 -19.05 -13.42
CA GLU B 49 -14.07 -18.69 -12.43
C GLU B 49 -13.54 -18.88 -11.01
N GLU B 50 -13.06 -20.08 -10.67
CA GLU B 50 -12.59 -20.45 -9.31
C GLU B 50 -11.37 -19.60 -8.91
N LEU B 51 -10.41 -19.41 -9.82
CA LEU B 51 -9.23 -18.52 -9.59
C LEU B 51 -9.69 -17.11 -9.20
N ARG B 52 -10.72 -16.57 -9.87
CA ARG B 52 -11.19 -15.18 -9.67
C ARG B 52 -11.82 -15.08 -8.28
N VAL B 53 -12.58 -16.09 -7.87
CA VAL B 53 -13.23 -16.12 -6.53
C VAL B 53 -12.14 -16.14 -5.45
N ARG B 54 -11.11 -16.96 -5.63
CA ARG B 54 -9.98 -17.06 -4.66
C ARG B 54 -9.26 -15.71 -4.59
N LEU B 55 -8.90 -15.14 -5.74
CA LEU B 55 -8.18 -13.84 -5.81
C LEU B 55 -8.98 -12.76 -5.08
N ALA B 56 -10.30 -12.70 -5.27
CA ALA B 56 -11.18 -11.66 -4.69
C ALA B 56 -11.13 -11.73 -3.16
N SER B 57 -11.29 -12.93 -2.63
CA SER B 57 -11.26 -13.28 -1.19
C SER B 57 -9.88 -12.89 -0.60
N HIS B 58 -8.80 -13.32 -1.26
CA HIS B 58 -7.42 -13.09 -0.77
C HIS B 58 -7.10 -11.60 -0.85
N LEU B 59 -7.49 -10.93 -1.93
CA LEU B 59 -7.21 -9.48 -2.14
C LEU B 59 -7.92 -8.64 -1.05
N ARG B 60 -9.13 -9.04 -0.66
CA ARG B 60 -9.89 -8.33 0.42
C ARG B 60 -9.12 -8.39 1.74
N LYS B 61 -8.49 -9.52 2.06
CA LYS B 61 -7.68 -9.66 3.31
C LYS B 61 -6.38 -8.85 3.20
N LEU B 62 -5.72 -8.89 2.05
CA LEU B 62 -4.50 -8.08 1.80
C LEU B 62 -4.86 -6.60 1.94
N ARG B 63 -6.01 -6.18 1.43
CA ARG B 63 -6.44 -4.77 1.46
C ARG B 63 -6.76 -4.35 2.91
N LYS B 64 -7.29 -5.27 3.72
CA LYS B 64 -7.60 -5.02 5.16
C LYS B 64 -6.30 -4.80 5.92
N ARG B 65 -5.26 -5.60 5.65
CA ARG B 65 -3.96 -5.47 6.32
C ARG B 65 -3.36 -4.11 5.96
N LEU B 66 -3.41 -3.76 4.68
CA LEU B 66 -2.85 -2.48 4.18
C LEU B 66 -3.47 -1.32 4.96
N LEU B 67 -4.80 -1.27 5.04
CA LEU B 67 -5.54 -0.15 5.70
C LEU B 67 -5.11 -0.04 7.16
N ARG B 68 -5.11 -1.16 7.89
CA ARG B 68 -4.70 -1.30 9.30
C ARG B 68 -3.29 -0.72 9.49
N ASP B 69 -2.33 -1.10 8.65
CA ASP B 69 -0.93 -0.61 8.74
C ASP B 69 -0.84 0.86 8.33
N ALA B 70 -1.67 1.33 7.40
CA ALA B 70 -1.77 2.75 7.01
C ALA B 70 -2.30 3.57 8.19
N ASP B 71 -3.30 3.04 8.88
CA ASP B 71 -3.92 3.70 10.05
C ASP B 71 -2.85 3.89 11.13
N ASP B 72 -2.16 2.80 11.47
CA ASP B 72 -1.09 2.77 12.48
C ASP B 72 0.00 3.79 12.09
N LEU B 73 0.40 3.87 10.82
CA LEU B 73 1.47 4.81 10.38
C LEU B 73 0.99 6.26 10.61
N GLN B 74 -0.25 6.58 10.25
CA GLN B 74 -0.79 7.95 10.43
C GLN B 74 -0.66 8.34 11.91
N LYS B 75 -1.15 7.47 12.80
CA LYS B 75 -1.19 7.69 14.27
C LYS B 75 0.23 7.91 14.80
N ARG B 76 1.22 7.21 14.26
CA ARG B 76 2.62 7.35 14.73
C ARG B 76 3.20 8.67 14.23
N LEU B 77 2.96 9.04 12.97
CA LEU B 77 3.46 10.33 12.43
C LEU B 77 2.94 11.47 13.30
N ALA B 78 1.67 11.39 13.69
CA ALA B 78 0.94 12.45 14.43
C ALA B 78 1.66 12.77 15.74
N VAL B 79 2.12 11.74 16.46
CA VAL B 79 2.79 11.87 17.79
C VAL B 79 4.19 12.48 17.57
N TYR B 80 4.96 11.89 16.65
CA TYR B 80 6.28 12.37 16.20
C TYR B 80 6.18 13.86 15.86
N GLN B 81 5.08 14.27 15.24
CA GLN B 81 4.76 15.66 14.83
C GLN B 81 5.08 16.63 15.96
N ALA B 82 4.70 16.31 17.20
CA ALA B 82 5.05 17.05 18.43
C ALA B 82 5.33 16.06 19.56
N GLY B 83 6.73 15.33 19.31
CA GLY B 83 7.08 14.15 20.16
C GLY B 83 6.49 14.27 21.56
#